data_2QA1
#
_entry.id   2QA1
#
_cell.length_a   66.229
_cell.length_b   171.535
_cell.length_c   212.186
_cell.angle_alpha   90.00
_cell.angle_beta   90.00
_cell.angle_gamma   90.00
#
_symmetry.space_group_name_H-M   'F 2 2 2'
#
loop_
_entity.id
_entity.type
_entity.pdbx_description
1 polymer 'Polyketide oxygenase PgaE'
2 non-polymer 'ZINC ION'
3 non-polymer 'FLAVIN-ADENINE DINUCLEOTIDE'
4 non-polymer 1,2-ETHANEDIOL
5 non-polymer GLYCEROL
6 water water
#
_entity_poly.entity_id   1
_entity_poly.type   'polypeptide(L)'
_entity_poly.pdbx_seq_one_letter_code
;AHHHHHHHRSDAAVIVVGAGPAGMMLAGELRLAGVEVVVLERLVERTGESRGLGFTARTMEVFDQRGILPRFGEVETSTQ
GHFGGLPIDFGVLEGAWQAAKTVPQSVTETHLEQWATGLGADIRRGHEVLSLTDDGAGVTVEVRGPEGKHTLRAAYLVGC
DGGRSSVRKAAGFDFPGTAATMEMYLADIKGVELQPRMIGETLPGGMVMVGPLPGGITRIIVCERGTPPQRRETPPSWHE
VADAWKRLTGDDIAHAEPVWVSAFGNATRQVTEYRRGRVILAGDSAHIHLPAGGQGMNTSIQDAVNLGWKLGAVVNGTAT
EELLDSYHSERHAVGKRLLMNTQAQGLLFLSGPEVQPLRDVLTELIQYGEVARHLAGMVSGLEITYDVGTGSHPLLGKRM
PALELTTATRETSSTELLHTARGVLLDLADNPRLRARAAAWSDRVDIVTAVPGEVSATSGLRDTTAVLIRPDGHVAWAAP
GSHHDLPMALERWFGAPLTG
;
_entity_poly.pdbx_strand_id   A
#
loop_
_chem_comp.id
_chem_comp.type
_chem_comp.name
_chem_comp.formula
EDO non-polymer 1,2-ETHANEDIOL 'C2 H6 O2'
FAD non-polymer 'FLAVIN-ADENINE DINUCLEOTIDE' 'C27 H33 N9 O15 P2'
GOL non-polymer GLYCEROL 'C3 H8 O3'
ZN non-polymer 'ZINC ION' 'Zn 2'
#
# COMPACT_ATOMS: atom_id res chain seq x y z
N HIS A 8 -6.41 -27.57 -14.18
CA HIS A 8 -6.21 -26.89 -12.85
C HIS A 8 -7.52 -26.79 -12.06
N ARG A 9 -8.61 -27.19 -12.71
CA ARG A 9 -9.97 -26.67 -12.46
C ARG A 9 -10.61 -26.82 -11.06
N SER A 10 -11.28 -25.72 -10.67
CA SER A 10 -12.53 -25.73 -9.88
C SER A 10 -12.50 -25.35 -8.39
N ASP A 11 -11.35 -25.51 -7.72
CA ASP A 11 -11.28 -25.21 -6.28
C ASP A 11 -9.98 -24.57 -5.80
N ALA A 12 -10.11 -23.72 -4.79
CA ALA A 12 -8.99 -23.12 -4.08
C ALA A 12 -9.47 -22.79 -2.68
N ALA A 13 -8.55 -22.42 -1.79
CA ALA A 13 -8.94 -21.94 -0.48
C ALA A 13 -9.41 -20.49 -0.58
N VAL A 14 -8.65 -19.67 -1.32
CA VAL A 14 -8.96 -18.25 -1.52
C VAL A 14 -8.86 -17.92 -3.00
N ILE A 15 -9.87 -17.23 -3.52
CA ILE A 15 -9.80 -16.68 -4.87
C ILE A 15 -9.57 -15.18 -4.81
N VAL A 16 -8.55 -14.71 -5.54
CA VAL A 16 -8.24 -13.28 -5.64
C VAL A 16 -8.59 -12.83 -7.05
N VAL A 17 -9.40 -11.77 -7.16
CA VAL A 17 -9.75 -11.21 -8.47
C VAL A 17 -8.86 -10.00 -8.76
N GLY A 18 -8.04 -10.10 -9.80
CA GLY A 18 -7.19 -8.98 -10.19
C GLY A 18 -5.74 -9.23 -9.84
N ALA A 19 -4.85 -8.99 -10.80
CA ALA A 19 -3.42 -9.17 -10.61
C ALA A 19 -2.69 -7.83 -10.79
N GLY A 20 -3.28 -6.76 -10.23
CA GLY A 20 -2.55 -5.53 -9.98
C GLY A 20 -1.68 -5.67 -8.73
N PRO A 21 -1.10 -4.55 -8.25
CA PRO A 21 -0.22 -4.62 -7.07
C PRO A 21 -0.89 -5.22 -5.83
N ALA A 22 -2.17 -4.90 -5.60
CA ALA A 22 -2.87 -5.44 -4.43
C ALA A 22 -3.01 -6.96 -4.54
N GLY A 23 -3.50 -7.43 -5.67
CA GLY A 23 -3.72 -8.86 -5.88
C GLY A 23 -2.46 -9.67 -5.85
N MET A 24 -1.40 -9.14 -6.45
CA MET A 24 -0.12 -9.88 -6.49
C MET A 24 0.57 -9.89 -5.11
N MET A 25 0.58 -8.76 -4.42
CA MET A 25 1.10 -8.78 -3.04
C MET A 25 0.29 -9.73 -2.15
N LEU A 26 -1.03 -9.68 -2.28
CA LEU A 26 -1.90 -10.57 -1.52
C LEU A 26 -1.61 -12.03 -1.82
N ALA A 27 -1.47 -12.36 -3.10
CA ALA A 27 -1.21 -13.74 -3.49
C ALA A 27 0.06 -14.25 -2.83
N GLY A 28 1.12 -13.43 -2.87
CA GLY A 28 2.39 -13.84 -2.26
C GLY A 28 2.24 -14.02 -0.76
N GLU A 29 1.57 -13.07 -0.10
CA GLU A 29 1.33 -13.17 1.35
C GLU A 29 0.53 -14.43 1.73
N LEU A 30 -0.47 -14.76 0.95
CA LEU A 30 -1.25 -15.98 1.21
C LEU A 30 -0.41 -17.24 1.05
N ARG A 31 0.43 -17.27 0.02
CA ARG A 31 1.38 -18.37 -0.13
C ARG A 31 2.30 -18.49 1.07
N LEU A 32 2.76 -17.35 1.60
CA LEU A 32 3.67 -17.43 2.76
C LEU A 32 2.95 -18.06 3.95
N ALA A 33 1.64 -17.86 3.99
CA ALA A 33 0.81 -18.48 5.02
C ALA A 33 0.41 -19.92 4.71
N GLY A 34 0.86 -20.43 3.57
CA GLY A 34 0.62 -21.83 3.15
C GLY A 34 -0.76 -22.08 2.55
N VAL A 35 -1.38 -21.02 2.05
CA VAL A 35 -2.75 -21.04 1.56
C VAL A 35 -2.79 -21.27 0.05
N GLU A 36 -3.63 -22.19 -0.39
CA GLU A 36 -3.82 -22.38 -1.82
C GLU A 36 -4.62 -21.22 -2.37
N VAL A 37 -4.02 -20.49 -3.31
CA VAL A 37 -4.64 -19.28 -3.85
C VAL A 37 -4.65 -19.27 -5.38
N VAL A 38 -5.83 -18.97 -5.95
CA VAL A 38 -5.98 -18.78 -7.38
C VAL A 38 -6.26 -17.30 -7.63
N VAL A 39 -5.52 -16.72 -8.55
CA VAL A 39 -5.75 -15.34 -8.97
C VAL A 39 -6.37 -15.33 -10.37
N LEU A 40 -7.47 -14.61 -10.51
CA LEU A 40 -8.16 -14.51 -11.80
C LEU A 40 -7.92 -13.09 -12.29
N GLU A 41 -7.22 -12.98 -13.41
CA GLU A 41 -6.96 -11.67 -14.02
C GLU A 41 -7.45 -11.65 -15.46
N ARG A 42 -8.27 -10.65 -15.79
CA ARG A 42 -8.91 -10.58 -17.12
C ARG A 42 -7.88 -10.35 -18.24
N LEU A 43 -6.86 -9.54 -17.96
CA LEU A 43 -5.84 -9.21 -18.95
C LEU A 43 -4.90 -10.37 -19.21
N VAL A 44 -4.59 -10.62 -20.47
CA VAL A 44 -3.64 -11.67 -20.84
C VAL A 44 -2.21 -11.19 -20.54
N GLU A 45 -1.99 -9.88 -20.65
CA GLU A 45 -0.65 -9.28 -20.63
C GLU A 45 -0.69 -8.02 -19.80
N ARG A 46 0.33 -7.79 -18.97
CA ARG A 46 0.38 -6.62 -18.13
CA ARG A 46 0.38 -6.61 -18.13
C ARG A 46 0.29 -5.37 -19.00
N THR A 47 -0.58 -4.45 -18.58
CA THR A 47 -0.92 -3.26 -19.34
C THR A 47 0.32 -2.43 -19.77
N GLY A 48 1.41 -2.59 -19.01
CA GLY A 48 2.70 -1.94 -19.31
C GLY A 48 2.63 -0.44 -19.03
N GLU A 49 1.87 -0.07 -18.00
CA GLU A 49 1.46 1.32 -17.81
C GLU A 49 2.45 2.14 -17.03
N SER A 50 2.56 1.84 -15.74
CA SER A 50 3.29 2.69 -14.83
C SER A 50 2.70 4.08 -14.91
N ARG A 51 1.48 4.19 -14.40
CA ARG A 51 0.97 5.48 -14.03
C ARG A 51 1.85 5.97 -12.89
N GLY A 52 1.99 5.18 -11.83
CA GLY A 52 2.87 5.52 -10.72
C GLY A 52 4.37 5.36 -10.98
N LEU A 53 5.16 6.21 -10.34
CA LEU A 53 6.62 6.12 -10.34
C LEU A 53 7.15 6.11 -8.93
N GLY A 54 8.00 5.14 -8.65
CA GLY A 54 8.59 5.01 -7.33
C GLY A 54 7.57 4.47 -6.34
N PHE A 55 7.98 4.41 -5.08
CA PHE A 55 7.09 3.97 -4.01
C PHE A 55 7.57 4.55 -2.68
N THR A 56 6.71 4.47 -1.68
CA THR A 56 6.98 5.15 -0.39
C THR A 56 7.99 4.38 0.43
N ALA A 57 8.49 5.05 1.48
CA ALA A 57 9.41 4.39 2.41
C ALA A 57 8.73 3.17 3.03
N ARG A 58 7.45 3.28 3.38
CA ARG A 58 6.80 2.13 4.03
C ARG A 58 6.66 0.96 3.06
N THR A 59 6.32 1.25 1.80
CA THR A 59 6.28 0.19 0.80
C THR A 59 7.65 -0.50 0.66
N MET A 60 8.73 0.30 0.65
N MET A 60 8.73 0.29 0.65
CA MET A 60 10.09 -0.26 0.62
CA MET A 60 10.05 -0.31 0.60
C MET A 60 10.30 -1.24 1.75
C MET A 60 10.25 -1.28 1.75
N GLU A 61 9.83 -0.87 2.95
CA GLU A 61 9.98 -1.71 4.14
C GLU A 61 9.17 -2.98 4.06
N VAL A 62 7.92 -2.90 3.56
CA VAL A 62 7.10 -4.13 3.48
C VAL A 62 7.66 -5.11 2.42
N PHE A 63 8.33 -4.58 1.39
CA PHE A 63 9.09 -5.41 0.43
C PHE A 63 10.30 -6.06 1.12
N ASP A 64 11.06 -5.24 1.82
CA ASP A 64 12.31 -5.66 2.47
C ASP A 64 12.04 -6.80 3.44
N GLN A 65 10.96 -6.67 4.21
CA GLN A 65 10.63 -7.66 5.25
C GLN A 65 10.14 -8.99 4.69
N ARG A 66 10.01 -9.08 3.37
CA ARG A 66 9.76 -10.37 2.71
C ARG A 66 10.96 -10.81 1.84
N GLY A 67 12.04 -10.05 1.87
CA GLY A 67 13.22 -10.40 1.06
C GLY A 67 13.00 -10.24 -0.44
N ILE A 68 12.05 -9.38 -0.79
CA ILE A 68 11.69 -9.07 -2.19
C ILE A 68 12.71 -8.13 -2.88
N LEU A 69 13.41 -7.30 -2.13
CA LEU A 69 14.20 -6.22 -2.77
C LEU A 69 15.29 -6.61 -3.79
N PRO A 70 16.00 -7.73 -3.57
CA PRO A 70 17.01 -8.09 -4.58
C PRO A 70 16.44 -8.16 -6.00
N ARG A 71 15.15 -8.50 -6.14
CA ARG A 71 14.50 -8.53 -7.47
C ARG A 71 14.64 -7.19 -8.20
N PHE A 72 14.62 -6.10 -7.45
CA PHE A 72 14.67 -4.74 -8.00
C PHE A 72 16.08 -4.25 -8.38
N GLY A 73 17.09 -4.94 -7.90
CA GLY A 73 18.47 -4.50 -8.15
C GLY A 73 18.70 -3.20 -7.41
N GLU A 74 19.54 -2.34 -7.96
CA GLU A 74 19.86 -1.08 -7.32
C GLU A 74 18.73 -0.11 -7.59
N VAL A 75 18.21 0.49 -6.52
CA VAL A 75 17.06 1.39 -6.60
C VAL A 75 17.44 2.76 -6.03
N GLU A 76 17.24 3.81 -6.83
CA GLU A 76 17.49 5.17 -6.36
C GLU A 76 16.44 5.54 -5.32
N THR A 77 16.89 6.04 -4.17
CA THR A 77 16.01 6.51 -3.11
C THR A 77 16.15 8.04 -2.93
N SER A 78 15.22 8.66 -2.22
CA SER A 78 15.27 10.10 -2.06
C SER A 78 14.57 10.58 -0.80
N THR A 79 15.09 11.65 -0.22
CA THR A 79 14.47 12.29 0.93
C THR A 79 13.70 13.54 0.51
N GLN A 80 13.73 13.88 -0.78
CA GLN A 80 13.01 15.05 -1.27
C GLN A 80 11.54 14.71 -1.38
N GLY A 81 10.72 15.34 -0.55
CA GLY A 81 9.28 15.15 -0.63
C GLY A 81 8.51 16.43 -0.84
N HIS A 82 7.19 16.30 -0.81
CA HIS A 82 6.32 17.46 -0.87
C HIS A 82 5.01 17.08 -0.23
N PHE A 83 4.21 18.10 0.06
CA PHE A 83 2.82 17.93 0.43
C PHE A 83 2.02 18.95 -0.38
N GLY A 84 1.20 18.47 -1.31
CA GLY A 84 0.42 19.39 -2.17
C GLY A 84 1.31 20.29 -3.01
N GLY A 85 2.52 19.80 -3.31
CA GLY A 85 3.48 20.55 -4.10
C GLY A 85 4.35 21.48 -3.27
N LEU A 86 4.12 21.52 -1.95
CA LEU A 86 4.98 22.29 -1.04
C LEU A 86 6.18 21.41 -0.64
N PRO A 87 7.41 21.83 -0.97
CA PRO A 87 8.54 20.94 -0.74
C PRO A 87 8.82 20.72 0.73
N ILE A 88 9.16 19.48 1.08
CA ILE A 88 9.52 19.10 2.44
C ILE A 88 10.71 18.13 2.37
N ASP A 89 11.71 18.37 3.20
CA ASP A 89 12.80 17.42 3.34
C ASP A 89 12.31 16.31 4.26
N PHE A 90 11.99 15.16 3.68
CA PHE A 90 11.45 14.05 4.46
C PHE A 90 12.55 13.41 5.32
N GLY A 91 13.80 13.84 5.11
CA GLY A 91 14.94 13.37 5.90
C GLY A 91 14.85 13.70 7.38
N VAL A 92 13.93 14.59 7.75
CA VAL A 92 13.71 14.93 9.16
C VAL A 92 13.05 13.76 9.90
N LEU A 93 12.50 12.81 9.14
CA LEU A 93 11.84 11.64 9.71
C LEU A 93 12.67 10.38 9.48
N GLU A 94 13.09 9.72 10.56
CA GLU A 94 13.90 8.50 10.46
C GLU A 94 13.25 7.49 9.55
N GLY A 95 14.04 6.93 8.63
CA GLY A 95 13.57 5.87 7.75
C GLY A 95 12.85 6.39 6.50
N ALA A 96 12.54 7.68 6.45
CA ALA A 96 11.82 8.20 5.27
C ALA A 96 12.69 8.19 4.01
N TRP A 97 14.02 8.19 4.22
CA TRP A 97 15.01 8.07 3.12
C TRP A 97 14.82 6.88 2.20
N GLN A 98 14.08 5.88 2.67
CA GLN A 98 13.95 4.64 1.94
C GLN A 98 12.98 4.68 0.76
N ALA A 99 12.33 5.83 0.54
CA ALA A 99 11.42 5.98 -0.61
C ALA A 99 12.16 5.76 -1.94
N ALA A 100 11.60 4.89 -2.80
CA ALA A 100 12.07 4.70 -4.17
C ALA A 100 11.59 5.86 -5.04
N LYS A 101 12.53 6.49 -5.73
CA LYS A 101 12.26 7.73 -6.47
C LYS A 101 11.57 7.53 -7.83
N THR A 102 11.99 6.51 -8.58
CA THR A 102 11.63 6.40 -10.01
C THR A 102 11.04 5.07 -10.50
N VAL A 103 11.04 4.02 -9.68
CA VAL A 103 10.65 2.70 -10.22
C VAL A 103 9.22 2.76 -10.79
N PRO A 104 9.04 2.45 -12.08
CA PRO A 104 7.69 2.49 -12.70
C PRO A 104 6.75 1.46 -12.05
N GLN A 105 5.45 1.75 -11.97
CA GLN A 105 4.53 0.80 -11.37
C GLN A 105 4.56 -0.56 -12.07
N SER A 106 4.69 -0.56 -13.40
CA SER A 106 4.72 -1.81 -14.18
C SER A 106 5.87 -2.75 -13.78
N VAL A 107 7.01 -2.15 -13.39
CA VAL A 107 8.18 -2.91 -12.91
C VAL A 107 7.90 -3.53 -11.53
N THR A 108 7.39 -2.71 -10.61
CA THR A 108 6.98 -3.20 -9.30
C THR A 108 5.98 -4.36 -9.43
N GLU A 109 4.98 -4.18 -10.28
CA GLU A 109 3.99 -5.23 -10.53
C GLU A 109 4.64 -6.51 -11.03
N THR A 110 5.58 -6.35 -11.95
CA THR A 110 6.30 -7.51 -12.51
C THR A 110 7.01 -8.31 -11.42
N HIS A 111 7.73 -7.62 -10.56
CA HIS A 111 8.46 -8.32 -9.51
C HIS A 111 7.52 -9.01 -8.51
N LEU A 112 6.43 -8.32 -8.14
CA LEU A 112 5.41 -8.92 -7.26
C LEU A 112 4.77 -10.16 -7.91
N GLU A 113 4.46 -10.09 -9.21
CA GLU A 113 3.91 -11.27 -9.91
C GLU A 113 4.91 -12.41 -9.92
N GLN A 114 6.17 -12.11 -10.23
CA GLN A 114 7.19 -13.17 -10.28
C GLN A 114 7.41 -13.81 -8.91
N TRP A 115 7.44 -12.97 -7.88
CA TRP A 115 7.56 -13.42 -6.49
C TRP A 115 6.40 -14.36 -6.12
N ALA A 116 5.17 -13.89 -6.33
CA ALA A 116 3.95 -14.67 -5.98
C ALA A 116 3.89 -16.00 -6.74
N THR A 117 4.18 -15.94 -8.03
CA THR A 117 4.19 -17.14 -8.87
C THR A 117 5.24 -18.12 -8.36
N GLY A 118 6.45 -17.62 -8.10
CA GLY A 118 7.54 -18.45 -7.55
C GLY A 118 7.12 -19.18 -6.28
N LEU A 119 6.32 -18.49 -5.46
CA LEU A 119 5.79 -19.06 -4.22
C LEU A 119 4.63 -20.04 -4.41
N GLY A 120 4.16 -20.18 -5.65
CA GLY A 120 3.15 -21.19 -5.96
C GLY A 120 1.73 -20.65 -6.09
N ALA A 121 1.59 -19.31 -6.17
CA ALA A 121 0.26 -18.74 -6.52
C ALA A 121 -0.13 -19.21 -7.90
N ASP A 122 -1.41 -19.55 -8.06
CA ASP A 122 -1.96 -20.06 -9.31
C ASP A 122 -2.63 -18.86 -9.97
N ILE A 123 -1.89 -18.18 -10.84
CA ILE A 123 -2.38 -16.97 -11.49
C ILE A 123 -2.90 -17.33 -12.86
N ARG A 124 -4.16 -16.98 -13.12
CA ARG A 124 -4.83 -17.39 -14.34
C ARG A 124 -5.20 -16.10 -15.08
N ARG A 125 -4.34 -15.71 -16.02
CA ARG A 125 -4.58 -14.54 -16.86
C ARG A 125 -5.57 -14.85 -17.98
N GLY A 126 -6.24 -13.81 -18.48
CA GLY A 126 -7.28 -14.00 -19.50
C GLY A 126 -8.54 -14.66 -18.94
N HIS A 127 -8.69 -14.57 -17.62
CA HIS A 127 -9.85 -15.06 -16.90
C HIS A 127 -10.54 -13.88 -16.26
N GLU A 128 -11.72 -13.59 -16.79
CA GLU A 128 -12.55 -12.49 -16.28
C GLU A 128 -13.66 -13.04 -15.41
N VAL A 129 -13.71 -12.57 -14.17
CA VAL A 129 -14.87 -12.81 -13.32
C VAL A 129 -16.06 -11.97 -13.75
N LEU A 130 -17.10 -12.64 -14.25
CA LEU A 130 -18.28 -11.96 -14.76
C LEU A 130 -19.33 -11.77 -13.66
N SER A 131 -19.25 -12.59 -12.62
CA SER A 131 -20.25 -12.59 -11.56
C SER A 131 -19.80 -13.43 -10.37
N LEU A 132 -20.56 -13.37 -9.29
CA LEU A 132 -20.14 -13.93 -8.02
C LEU A 132 -21.32 -14.22 -7.11
N THR A 133 -21.16 -15.21 -6.24
CA THR A 133 -22.21 -15.56 -5.28
C THR A 133 -21.61 -15.94 -3.92
N ASP A 134 -22.31 -15.56 -2.86
CA ASP A 134 -21.87 -15.87 -1.50
C ASP A 134 -23.01 -16.36 -0.63
N ASP A 135 -22.96 -17.63 -0.27
CA ASP A 135 -23.64 -18.12 0.93
C ASP A 135 -22.64 -18.58 1.98
N GLY A 136 -23.01 -18.42 3.25
CA GLY A 136 -22.03 -18.26 4.31
C GLY A 136 -21.11 -19.46 4.44
N ALA A 137 -21.25 -20.40 3.52
CA ALA A 137 -20.35 -21.55 3.45
C ALA A 137 -19.18 -21.27 2.51
N GLY A 138 -19.44 -20.50 1.45
CA GLY A 138 -18.42 -20.21 0.44
C GLY A 138 -18.83 -19.19 -0.62
N VAL A 139 -17.93 -19.00 -1.60
CA VAL A 139 -18.19 -18.07 -2.71
C VAL A 139 -17.95 -18.76 -4.05
N THR A 140 -18.99 -18.82 -4.88
CA THR A 140 -18.85 -19.32 -6.24
C THR A 140 -18.80 -18.14 -7.21
N VAL A 141 -17.77 -18.13 -8.07
CA VAL A 141 -17.70 -17.13 -9.15
C VAL A 141 -17.89 -17.79 -10.52
N GLU A 142 -18.55 -17.10 -11.43
CA GLU A 142 -18.52 -17.49 -12.84
C GLU A 142 -17.44 -16.67 -13.56
N VAL A 143 -16.69 -17.36 -14.42
CA VAL A 143 -15.47 -16.84 -15.02
C VAL A 143 -15.48 -17.14 -16.51
N ARG A 144 -15.06 -16.17 -17.33
CA ARG A 144 -14.77 -16.48 -18.73
C ARG A 144 -13.27 -16.51 -18.95
N GLY A 145 -12.78 -17.69 -19.32
CA GLY A 145 -11.38 -17.87 -19.69
C GLY A 145 -11.25 -18.32 -21.13
N PRO A 146 -10.03 -18.72 -21.54
CA PRO A 146 -9.82 -19.30 -22.88
C PRO A 146 -10.69 -20.52 -23.16
N GLU A 147 -11.04 -21.25 -22.10
CA GLU A 147 -11.88 -22.46 -22.22
C GLU A 147 -13.37 -22.11 -22.30
N GLY A 148 -13.66 -20.82 -22.29
CA GLY A 148 -15.05 -20.36 -22.28
C GLY A 148 -15.46 -20.10 -20.86
N LYS A 149 -16.77 -20.23 -20.60
CA LYS A 149 -17.38 -19.90 -19.31
CA LYS A 149 -17.32 -19.89 -19.29
C LYS A 149 -17.33 -21.10 -18.36
N HIS A 150 -16.98 -20.85 -17.10
CA HIS A 150 -16.86 -21.89 -16.07
C HIS A 150 -17.01 -21.30 -14.67
N THR A 151 -17.18 -22.15 -13.67
CA THR A 151 -17.34 -21.69 -12.29
C THR A 151 -16.19 -22.17 -11.39
N LEU A 152 -15.85 -21.34 -10.42
CA LEU A 152 -14.88 -21.66 -9.39
C LEU A 152 -15.45 -21.35 -8.02
N ARG A 153 -15.06 -22.13 -7.02
CA ARG A 153 -15.52 -21.93 -5.66
C ARG A 153 -14.36 -21.95 -4.67
N ALA A 154 -14.47 -21.13 -3.63
CA ALA A 154 -13.47 -21.10 -2.56
C ALA A 154 -14.12 -20.64 -1.26
N ALA A 155 -13.40 -20.79 -0.16
CA ALA A 155 -13.86 -20.34 1.15
C ALA A 155 -14.08 -18.84 1.17
N TYR A 156 -13.11 -18.11 0.61
CA TYR A 156 -13.15 -16.65 0.58
C TYR A 156 -12.82 -16.13 -0.80
N LEU A 157 -13.40 -14.97 -1.13
CA LEU A 157 -13.08 -14.25 -2.35
C LEU A 157 -12.60 -12.83 -2.03
N VAL A 158 -11.48 -12.42 -2.61
CA VAL A 158 -10.98 -11.06 -2.42
C VAL A 158 -10.99 -10.27 -3.73
N GLY A 159 -11.80 -9.22 -3.78
CA GLY A 159 -11.80 -8.30 -4.91
C GLY A 159 -10.61 -7.35 -4.86
N CYS A 160 -9.57 -7.65 -5.64
CA CYS A 160 -8.45 -6.72 -5.89
C CYS A 160 -8.54 -6.22 -7.32
N ASP A 161 -9.76 -5.92 -7.74
CA ASP A 161 -10.07 -5.71 -9.14
C ASP A 161 -10.24 -4.25 -9.54
N GLY A 162 -9.65 -3.34 -8.76
CA GLY A 162 -9.51 -1.94 -9.17
C GLY A 162 -10.69 -1.04 -8.89
N GLY A 163 -10.54 0.23 -9.29
CA GLY A 163 -11.48 1.29 -8.94
C GLY A 163 -12.91 1.07 -9.42
N ARG A 164 -13.05 0.27 -10.47
CA ARG A 164 -14.35 -0.01 -11.06
C ARG A 164 -14.77 -1.45 -10.75
N SER A 165 -14.33 -1.93 -9.59
CA SER A 165 -14.54 -3.31 -9.09
C SER A 165 -15.90 -3.96 -9.40
N SER A 166 -15.87 -5.06 -10.16
CA SER A 166 -17.06 -5.91 -10.42
C SER A 166 -17.53 -6.53 -9.11
N VAL A 167 -16.56 -6.91 -8.29
CA VAL A 167 -16.79 -7.63 -7.03
C VAL A 167 -17.54 -6.77 -6.02
N ARG A 168 -17.09 -5.51 -5.89
CA ARG A 168 -17.76 -4.52 -5.06
C ARG A 168 -19.22 -4.32 -5.49
N LYS A 169 -19.43 -4.11 -6.79
CA LYS A 169 -20.77 -3.93 -7.36
C LYS A 169 -21.64 -5.16 -7.11
N ALA A 170 -21.07 -6.34 -7.33
CA ALA A 170 -21.82 -7.60 -7.24
C ALA A 170 -22.08 -8.02 -5.78
N ALA A 171 -21.13 -7.75 -4.86
CA ALA A 171 -21.23 -8.22 -3.47
C ALA A 171 -21.93 -7.24 -2.49
N GLY A 172 -22.60 -6.22 -3.12
CA GLY A 172 -23.45 -5.30 -2.35
C GLY A 172 -22.76 -4.32 -1.42
N PHE A 173 -21.51 -3.95 -1.70
CA PHE A 173 -20.82 -2.95 -0.90
C PHE A 173 -21.37 -1.55 -1.17
N ASP A 174 -21.53 -0.77 -0.09
CA ASP A 174 -21.86 0.65 -0.18
CA ASP A 174 -21.86 0.65 -0.18
C ASP A 174 -20.57 1.44 -0.44
N PHE A 175 -20.62 2.38 -1.39
CA PHE A 175 -19.43 3.10 -1.84
C PHE A 175 -19.69 4.63 -1.84
N PRO A 176 -19.93 5.23 -0.65
CA PRO A 176 -20.21 6.67 -0.60
C PRO A 176 -18.96 7.54 -0.76
N GLY A 177 -19.17 8.76 -1.23
CA GLY A 177 -18.11 9.74 -1.49
C GLY A 177 -18.64 10.84 -2.39
N THR A 178 -17.75 11.48 -3.15
CA THR A 178 -18.16 12.57 -4.05
C THR A 178 -17.85 12.21 -5.50
N ALA A 179 -18.76 12.60 -6.40
CA ALA A 179 -18.54 12.35 -7.83
C ALA A 179 -17.43 13.26 -8.34
N ALA A 180 -16.72 12.78 -9.42
CA ALA A 180 -15.64 13.54 -10.04
C ALA A 180 -16.14 14.93 -10.47
N THR A 181 -15.30 15.95 -10.28
CA THR A 181 -15.66 17.31 -10.70
C THR A 181 -14.74 17.87 -11.78
N MET A 182 -13.72 17.09 -12.15
CA MET A 182 -12.72 17.54 -13.14
CA MET A 182 -12.68 17.54 -13.10
C MET A 182 -11.99 16.38 -13.81
N GLU A 183 -11.56 16.61 -15.05
CA GLU A 183 -10.74 15.64 -15.79
C GLU A 183 -9.35 16.24 -16.01
N MET A 184 -8.31 15.46 -15.67
CA MET A 184 -6.93 15.86 -15.95
C MET A 184 -6.29 14.94 -16.97
N TYR A 185 -5.08 15.28 -17.42
CA TYR A 185 -4.37 14.49 -18.42
C TYR A 185 -2.98 14.12 -17.99
N LEU A 186 -2.51 12.98 -18.46
CA LEU A 186 -1.09 12.73 -18.46
C LEU A 186 -0.66 12.17 -19.81
N ALA A 187 0.59 12.46 -20.17
CA ALA A 187 1.14 11.99 -21.42
C ALA A 187 2.63 11.78 -21.27
N ASP A 188 3.06 10.58 -21.66
CA ASP A 188 4.48 10.29 -21.82
C ASP A 188 4.80 10.56 -23.28
N ILE A 189 5.80 11.42 -23.51
CA ILE A 189 6.08 11.94 -24.85
C ILE A 189 7.57 11.97 -25.20
N LYS A 190 7.87 12.01 -26.50
CA LYS A 190 9.25 12.12 -26.99
C LYS A 190 9.42 13.37 -27.86
N GLY A 191 10.68 13.72 -28.13
CA GLY A 191 11.00 14.77 -29.10
C GLY A 191 11.43 16.10 -28.52
N VAL A 192 10.75 16.54 -27.46
CA VAL A 192 10.98 17.86 -26.88
C VAL A 192 11.61 17.79 -25.49
N GLU A 193 12.58 18.66 -25.24
CA GLU A 193 13.20 18.78 -23.93
C GLU A 193 12.55 19.90 -23.13
N LEU A 194 11.95 19.54 -22.00
CA LEU A 194 11.22 20.50 -21.18
C LEU A 194 11.86 20.68 -19.80
N GLN A 195 11.75 21.90 -19.27
CA GLN A 195 12.29 22.25 -17.96
C GLN A 195 11.56 21.47 -16.88
N PRO A 196 12.30 20.60 -16.15
CA PRO A 196 11.70 19.72 -15.15
C PRO A 196 10.96 20.45 -14.02
N ARG A 197 9.84 19.90 -13.60
CA ARG A 197 9.12 20.33 -12.41
C ARG A 197 8.63 19.09 -11.65
N MET A 198 9.54 18.50 -10.89
CA MET A 198 9.33 17.21 -10.23
C MET A 198 8.28 17.19 -9.11
N ILE A 199 8.05 18.32 -8.47
CA ILE A 199 7.00 18.41 -7.44
C ILE A 199 5.82 19.27 -7.89
N GLY A 200 5.85 19.70 -9.15
CA GLY A 200 4.76 20.49 -9.72
C GLY A 200 5.07 21.96 -9.88
N GLU A 201 4.19 22.67 -10.58
CA GLU A 201 4.35 24.09 -10.88
C GLU A 201 2.99 24.75 -10.88
N THR A 202 2.76 25.66 -9.93
CA THR A 202 1.50 26.41 -9.86
C THR A 202 1.45 27.47 -10.95
N LEU A 203 0.46 27.35 -11.82
CA LEU A 203 0.27 28.26 -12.95
C LEU A 203 -0.99 29.11 -12.76
N PRO A 204 -1.10 30.24 -13.48
CA PRO A 204 -2.27 31.12 -13.34
C PRO A 204 -3.60 30.42 -13.66
N GLY A 205 -3.56 29.42 -14.54
CA GLY A 205 -4.75 28.67 -14.90
C GLY A 205 -4.69 27.19 -14.55
N GLY A 206 -3.85 26.82 -13.58
CA GLY A 206 -3.80 25.42 -13.15
C GLY A 206 -2.49 24.97 -12.54
N MET A 207 -2.09 23.74 -12.86
CA MET A 207 -0.84 23.18 -12.37
C MET A 207 -0.21 22.23 -13.40
N VAL A 208 1.11 22.08 -13.31
CA VAL A 208 1.84 21.27 -14.27
C VAL A 208 3.01 20.52 -13.63
N MET A 209 3.21 19.28 -14.06
CA MET A 209 4.36 18.48 -13.66
C MET A 209 5.13 18.07 -14.91
N VAL A 210 6.45 18.06 -14.80
CA VAL A 210 7.32 17.66 -15.90
C VAL A 210 8.53 16.93 -15.35
N GLY A 211 8.88 15.82 -15.99
CA GLY A 211 9.96 14.97 -15.50
C GLY A 211 10.45 13.98 -16.53
N PRO A 212 11.75 13.62 -16.46
CA PRO A 212 12.34 12.68 -17.41
C PRO A 212 12.16 11.22 -17.03
N LEU A 213 12.15 10.35 -18.05
CA LEU A 213 12.09 8.91 -17.88
C LEU A 213 13.11 8.28 -18.83
N PRO A 214 13.55 7.03 -18.56
CA PRO A 214 14.53 6.38 -19.44
C PRO A 214 14.06 6.27 -20.89
N GLY A 215 15.01 6.27 -21.82
CA GLY A 215 14.71 6.18 -23.25
C GLY A 215 14.32 7.51 -23.88
N GLY A 216 14.75 8.60 -23.26
CA GLY A 216 14.51 9.96 -23.78
C GLY A 216 13.08 10.43 -23.60
N ILE A 217 12.35 9.78 -22.71
CA ILE A 217 10.94 10.09 -22.47
C ILE A 217 10.80 11.24 -21.46
N THR A 218 9.94 12.19 -21.80
CA THR A 218 9.50 13.21 -20.85
C THR A 218 8.06 12.90 -20.49
N ARG A 219 7.78 12.84 -19.19
CA ARG A 219 6.42 12.70 -18.70
C ARG A 219 5.85 14.07 -18.33
N ILE A 220 4.66 14.36 -18.85
CA ILE A 220 3.96 15.60 -18.48
C ILE A 220 2.64 15.31 -17.79
N ILE A 221 2.30 16.14 -16.80
CA ILE A 221 1.02 16.05 -16.09
C ILE A 221 0.30 17.39 -16.25
N VAL A 222 -0.88 17.35 -16.86
CA VAL A 222 -1.55 18.56 -17.34
C VAL A 222 -2.92 18.75 -16.69
N CYS A 223 -2.98 19.70 -15.76
CA CYS A 223 -4.19 19.98 -14.98
C CYS A 223 -4.65 21.42 -15.23
N GLU A 224 -5.49 21.61 -16.25
CA GLU A 224 -5.89 22.94 -16.68
C GLU A 224 -7.26 23.37 -16.14
N ARG A 225 -7.35 24.65 -15.78
CA ARG A 225 -8.57 25.27 -15.27
C ARG A 225 -9.80 25.06 -16.15
N GLY A 226 -10.90 24.62 -15.54
CA GLY A 226 -12.22 24.62 -16.18
C GLY A 226 -12.56 23.47 -17.11
N THR A 227 -11.78 22.40 -17.04
CA THR A 227 -11.98 21.21 -17.86
C THR A 227 -13.05 20.31 -17.23
N PRO A 228 -14.19 20.12 -17.91
CA PRO A 228 -15.23 19.23 -17.39
C PRO A 228 -14.80 17.75 -17.37
N PRO A 229 -15.23 16.99 -16.35
CA PRO A 229 -14.88 15.56 -16.25
C PRO A 229 -15.55 14.71 -17.34
N PRO A 235 -10.59 7.77 -24.37
CA PRO A 235 -9.17 8.02 -24.56
C PRO A 235 -8.91 9.38 -25.23
N PRO A 236 -8.10 10.25 -24.60
CA PRO A 236 -7.86 11.60 -25.11
C PRO A 236 -6.86 11.65 -26.27
N SER A 237 -7.19 12.43 -27.30
CA SER A 237 -6.25 12.71 -28.38
C SER A 237 -5.09 13.54 -27.85
N TRP A 238 -3.92 13.37 -28.46
CA TRP A 238 -2.71 14.09 -28.04
C TRP A 238 -2.85 15.62 -28.17
N HIS A 239 -3.54 16.07 -29.21
CA HIS A 239 -3.60 17.50 -29.50
C HIS A 239 -4.45 18.33 -28.52
N GLU A 240 -5.49 17.74 -27.95
CA GLU A 240 -6.19 18.42 -26.86
C GLU A 240 -5.30 18.58 -25.62
N VAL A 241 -4.50 17.54 -25.33
CA VAL A 241 -3.49 17.58 -24.26
C VAL A 241 -2.39 18.62 -24.56
N ALA A 242 -1.93 18.65 -25.80
CA ALA A 242 -0.97 19.66 -26.27
C ALA A 242 -1.58 21.07 -26.17
N ASP A 243 -2.84 21.21 -26.61
CA ASP A 243 -3.59 22.47 -26.48
C ASP A 243 -3.73 22.92 -25.04
N ALA A 244 -3.95 21.97 -24.14
CA ALA A 244 -4.00 22.26 -22.71
C ALA A 244 -2.64 22.77 -22.22
N TRP A 245 -1.57 22.12 -22.67
CA TRP A 245 -0.20 22.53 -22.33
C TRP A 245 0.08 23.96 -22.78
N LYS A 246 -0.25 24.23 -24.05
CA LYS A 246 -0.01 25.51 -24.69
C LYS A 246 -0.72 26.67 -23.97
N ARG A 247 -1.97 26.43 -23.56
CA ARG A 247 -2.74 27.43 -22.83
C ARG A 247 -2.17 27.68 -21.43
N LEU A 248 -1.76 26.61 -20.75
CA LEU A 248 -1.20 26.69 -19.40
C LEU A 248 0.19 27.34 -19.35
N THR A 249 1.07 26.88 -20.25
CA THR A 249 2.50 27.23 -20.20
C THR A 249 2.92 28.29 -21.22
N GLY A 250 2.11 28.48 -22.25
CA GLY A 250 2.47 29.34 -23.38
C GLY A 250 3.38 28.66 -24.39
N ASP A 251 3.74 27.40 -24.10
CA ASP A 251 4.68 26.65 -24.94
C ASP A 251 3.99 25.62 -25.83
N ASP A 252 4.31 25.66 -27.12
CA ASP A 252 3.77 24.71 -28.10
C ASP A 252 4.58 23.41 -28.12
N ILE A 253 3.92 22.30 -27.77
CA ILE A 253 4.53 20.97 -27.84
C ILE A 253 3.77 19.97 -28.73
N ALA A 254 2.85 20.49 -29.56
CA ALA A 254 2.02 19.67 -30.47
C ALA A 254 2.83 18.74 -31.40
N HIS A 255 4.07 19.15 -31.68
CA HIS A 255 5.00 18.37 -32.52
C HIS A 255 5.54 17.09 -31.85
N ALA A 256 5.44 17.01 -30.53
CA ALA A 256 5.93 15.84 -29.78
C ALA A 256 5.28 14.53 -30.21
N GLU A 257 5.93 13.41 -29.86
CA GLU A 257 5.40 12.08 -30.16
C GLU A 257 4.76 11.47 -28.92
N PRO A 258 3.42 11.28 -28.94
CA PRO A 258 2.71 10.69 -27.81
C PRO A 258 2.96 9.18 -27.69
N VAL A 259 3.52 8.78 -26.56
CA VAL A 259 3.78 7.36 -26.27
C VAL A 259 2.53 6.77 -25.61
N TRP A 260 2.11 7.42 -24.53
CA TRP A 260 0.88 7.08 -23.84
C TRP A 260 0.14 8.36 -23.47
N VAL A 261 -1.15 8.41 -23.77
CA VAL A 261 -2.00 9.51 -23.32
C VAL A 261 -3.18 8.95 -22.53
N SER A 262 -3.40 9.52 -21.36
CA SER A 262 -4.40 9.04 -20.41
C SER A 262 -5.19 10.19 -19.77
N ALA A 263 -6.43 9.88 -19.38
CA ALA A 263 -7.26 10.79 -18.58
C ALA A 263 -7.55 10.17 -17.20
N PHE A 264 -7.68 11.02 -16.18
CA PHE A 264 -8.08 10.60 -14.82
C PHE A 264 -8.90 11.71 -14.12
N GLY A 265 -9.58 11.35 -13.03
CA GLY A 265 -10.45 12.29 -12.30
C GLY A 265 -10.17 12.41 -10.81
N ASN A 266 -11.04 13.14 -10.11
CA ASN A 266 -10.93 13.34 -8.65
C ASN A 266 -12.13 12.81 -7.86
N ALA A 267 -12.79 11.77 -8.39
CA ALA A 267 -13.80 11.04 -7.64
C ALA A 267 -13.15 10.44 -6.38
N THR A 268 -13.77 10.68 -5.23
CA THR A 268 -13.25 10.22 -3.95
C THR A 268 -14.29 9.43 -3.18
N ARG A 269 -14.08 8.12 -3.07
CA ARG A 269 -15.06 7.20 -2.47
C ARG A 269 -14.35 6.09 -1.71
N GLN A 270 -15.04 5.55 -0.69
CA GLN A 270 -14.52 4.44 0.12
C GLN A 270 -15.65 3.52 0.58
N VAL A 271 -15.45 2.21 0.48
CA VAL A 271 -16.48 1.26 0.97
C VAL A 271 -16.69 1.40 2.48
N THR A 272 -17.92 1.24 2.94
CA THR A 272 -18.23 1.35 4.37
C THR A 272 -17.80 0.11 5.13
N GLU A 273 -17.65 -1.00 4.41
CA GLU A 273 -17.25 -2.29 4.95
C GLU A 273 -16.18 -2.85 4.05
N TYR A 274 -15.04 -3.26 4.60
CA TYR A 274 -14.03 -3.89 3.78
C TYR A 274 -14.35 -5.37 3.50
N ARG A 275 -15.24 -5.93 4.31
CA ARG A 275 -15.66 -7.33 4.16
C ARG A 275 -17.18 -7.43 4.32
N ARG A 276 -17.80 -8.14 3.40
CA ARG A 276 -19.19 -8.54 3.56
C ARG A 276 -19.19 -10.05 3.40
N GLY A 277 -19.44 -10.73 4.52
CA GLY A 277 -19.46 -12.20 4.57
C GLY A 277 -18.10 -12.78 4.22
N ARG A 278 -18.07 -13.53 3.11
CA ARG A 278 -16.86 -14.18 2.65
C ARG A 278 -16.23 -13.44 1.45
N VAL A 279 -16.68 -12.20 1.23
CA VAL A 279 -16.17 -11.34 0.17
C VAL A 279 -15.46 -10.12 0.77
N ILE A 280 -14.17 -10.03 0.49
CA ILE A 280 -13.28 -8.98 1.04
C ILE A 280 -12.73 -8.11 -0.09
N LEU A 281 -12.45 -6.84 0.18
CA LEU A 281 -11.83 -5.95 -0.81
C LEU A 281 -10.50 -5.45 -0.33
N ALA A 282 -9.58 -5.25 -1.27
CA ALA A 282 -8.26 -4.66 -1.02
C ALA A 282 -7.87 -3.81 -2.24
N GLY A 283 -7.28 -2.65 -1.99
CA GLY A 283 -6.79 -1.79 -3.07
C GLY A 283 -7.82 -0.79 -3.54
N ASP A 284 -7.70 -0.38 -4.80
CA ASP A 284 -8.60 0.65 -5.38
C ASP A 284 -10.06 0.22 -5.30
N SER A 285 -10.32 -1.10 -5.20
CA SER A 285 -11.71 -1.59 -5.15
C SER A 285 -12.39 -1.06 -3.89
N ALA A 286 -11.60 -0.79 -2.87
CA ALA A 286 -12.10 -0.29 -1.60
C ALA A 286 -12.04 1.23 -1.49
N HIS A 287 -11.17 1.86 -2.28
CA HIS A 287 -10.93 3.30 -2.18
C HIS A 287 -10.42 3.93 -3.47
N ILE A 288 -11.13 4.95 -3.93
CA ILE A 288 -10.67 5.70 -5.08
C ILE A 288 -10.53 7.16 -4.69
N HIS A 289 -9.70 7.88 -5.43
CA HIS A 289 -9.33 9.25 -5.06
C HIS A 289 -8.51 9.85 -6.19
N LEU A 290 -8.27 11.16 -6.10
CA LEU A 290 -7.31 11.83 -6.98
C LEU A 290 -5.93 11.21 -6.73
N PRO A 291 -5.21 10.85 -7.80
CA PRO A 291 -3.85 10.35 -7.56
C PRO A 291 -2.91 11.54 -7.37
N ALA A 292 -3.02 12.15 -6.19
CA ALA A 292 -2.14 13.22 -5.76
C ALA A 292 -1.39 12.72 -4.53
N GLY A 293 -0.08 12.81 -4.55
CA GLY A 293 0.72 12.46 -3.36
C GLY A 293 1.28 11.06 -3.35
N GLY A 294 1.14 10.36 -4.48
CA GLY A 294 1.72 9.03 -4.68
C GLY A 294 1.30 8.04 -3.61
N GLN A 295 -0.01 7.84 -3.46
CA GLN A 295 -0.57 7.04 -2.34
C GLN A 295 -1.31 5.76 -2.75
N GLY A 296 -1.89 5.72 -3.93
CA GLY A 296 -2.84 4.64 -4.26
C GLY A 296 -2.19 3.25 -4.31
N MET A 297 -1.20 3.08 -5.16
CA MET A 297 -0.50 1.79 -5.22
C MET A 297 0.06 1.42 -3.85
N ASN A 298 0.68 2.38 -3.18
CA ASN A 298 1.28 2.10 -1.88
C ASN A 298 0.27 1.61 -0.86
N THR A 299 -0.87 2.29 -0.77
CA THR A 299 -1.94 1.88 0.16
C THR A 299 -2.51 0.51 -0.22
N SER A 300 -2.60 0.24 -1.52
CA SER A 300 -3.19 -1.01 -2.02
C SER A 300 -2.30 -2.21 -1.71
N ILE A 301 -1.00 -2.05 -1.96
CA ILE A 301 -0.01 -3.04 -1.54
C ILE A 301 -0.09 -3.27 -0.02
N GLN A 302 -0.18 -2.17 0.72
CA GLN A 302 -0.26 -2.27 2.17
C GLN A 302 -1.55 -2.83 2.73
N ASP A 303 -2.68 -2.64 2.02
CA ASP A 303 -3.91 -3.36 2.36
C ASP A 303 -3.68 -4.87 2.32
N ALA A 304 -3.07 -5.34 1.23
CA ALA A 304 -2.77 -6.76 1.05
C ALA A 304 -1.87 -7.29 2.15
N VAL A 305 -0.93 -6.46 2.60
CA VAL A 305 0.02 -6.88 3.65
C VAL A 305 -0.70 -7.03 5.00
N ASN A 306 -1.65 -6.14 5.25
CA ASN A 306 -2.48 -6.27 6.44
C ASN A 306 -3.35 -7.54 6.35
N LEU A 307 -3.89 -7.83 5.17
CA LEU A 307 -4.90 -8.87 5.01
C LEU A 307 -4.33 -10.29 4.95
N GLY A 308 -3.27 -10.46 4.17
CA GLY A 308 -2.77 -11.79 3.82
C GLY A 308 -2.58 -12.68 5.03
N TRP A 309 -1.81 -12.21 6.01
CA TRP A 309 -1.52 -13.08 7.17
C TRP A 309 -2.76 -13.41 8.01
N LYS A 310 -3.69 -12.47 8.08
CA LYS A 310 -4.95 -12.66 8.82
C LYS A 310 -5.87 -13.65 8.14
N LEU A 311 -6.12 -13.46 6.84
CA LEU A 311 -6.92 -14.39 6.06
C LEU A 311 -6.27 -15.77 6.06
N GLY A 312 -4.93 -15.81 5.96
CA GLY A 312 -4.20 -17.08 6.05
C GLY A 312 -4.43 -17.81 7.36
N ALA A 313 -4.36 -17.09 8.48
CA ALA A 313 -4.63 -17.70 9.78
C ALA A 313 -6.06 -18.21 9.92
N VAL A 314 -7.02 -17.47 9.35
CA VAL A 314 -8.42 -17.91 9.38
C VAL A 314 -8.60 -19.18 8.55
N VAL A 315 -8.08 -19.16 7.31
CA VAL A 315 -8.11 -20.37 6.46
C VAL A 315 -7.45 -21.58 7.13
N ASN A 316 -6.32 -21.33 7.79
CA ASN A 316 -5.60 -22.38 8.50
C ASN A 316 -6.25 -22.83 9.82
N GLY A 317 -7.33 -22.15 10.21
CA GLY A 317 -8.07 -22.51 11.42
C GLY A 317 -7.43 -22.10 12.73
N THR A 318 -6.36 -21.30 12.66
CA THR A 318 -5.64 -20.90 13.87
C THR A 318 -6.18 -19.61 14.46
N ALA A 319 -6.93 -18.87 13.66
CA ALA A 319 -7.61 -17.68 14.13
C ALA A 319 -9.09 -17.73 13.81
N THR A 320 -9.88 -17.07 14.66
CA THR A 320 -11.30 -16.85 14.42
C THR A 320 -11.48 -15.57 13.60
N GLU A 321 -12.71 -15.33 13.13
CA GLU A 321 -13.01 -14.16 12.30
C GLU A 321 -12.97 -12.79 13.03
N GLU A 322 -12.83 -12.79 14.36
CA GLU A 322 -12.48 -11.55 15.08
C GLU A 322 -11.20 -10.97 14.50
N LEU A 323 -10.21 -11.83 14.28
CA LEU A 323 -8.98 -11.41 13.60
C LEU A 323 -9.28 -10.81 12.23
N LEU A 324 -10.16 -11.47 11.47
CA LEU A 324 -10.51 -11.00 10.12
C LEU A 324 -11.16 -9.63 10.14
N ASP A 325 -11.99 -9.39 11.16
CA ASP A 325 -12.65 -8.09 11.37
C ASP A 325 -11.67 -6.95 11.58
N SER A 326 -10.47 -7.26 12.07
CA SER A 326 -9.44 -6.24 12.29
C SER A 326 -8.81 -5.76 10.98
N TYR A 327 -9.00 -6.49 9.88
CA TYR A 327 -8.57 -5.98 8.58
C TYR A 327 -9.47 -4.80 8.25
N HIS A 328 -10.79 -4.98 8.33
CA HIS A 328 -11.68 -3.86 8.15
C HIS A 328 -11.34 -2.67 9.05
N SER A 329 -11.26 -2.88 10.36
CA SER A 329 -11.16 -1.73 11.27
C SER A 329 -9.85 -0.97 11.05
N GLU A 330 -8.75 -1.71 10.88
CA GLU A 330 -7.42 -1.10 10.65
C GLU A 330 -7.32 -0.44 9.29
N ARG A 331 -7.71 -1.16 8.24
CA ARG A 331 -7.54 -0.60 6.89
C ARG A 331 -8.63 0.40 6.47
N HIS A 332 -9.85 0.27 6.98
CA HIS A 332 -10.83 1.32 6.72
C HIS A 332 -10.31 2.64 7.27
N ALA A 333 -9.69 2.59 8.45
CA ALA A 333 -9.14 3.80 9.08
C ALA A 333 -8.02 4.41 8.24
N VAL A 334 -7.14 3.57 7.73
CA VAL A 334 -6.04 4.02 6.86
C VAL A 334 -6.62 4.60 5.57
N GLY A 335 -7.64 3.93 5.02
CA GLY A 335 -8.25 4.38 3.77
C GLY A 335 -8.94 5.72 3.91
N LYS A 336 -9.53 5.97 5.09
CA LYS A 336 -10.19 7.25 5.38
C LYS A 336 -9.15 8.36 5.36
N ARG A 337 -8.01 8.07 5.95
CA ARG A 337 -6.90 8.99 6.02
C ARG A 337 -6.30 9.25 4.64
N LEU A 338 -6.20 8.20 3.85
CA LEU A 338 -5.83 8.30 2.44
C LEU A 338 -6.71 9.34 1.71
N LEU A 339 -8.02 9.25 1.89
CA LEU A 339 -8.91 10.19 1.21
C LEU A 339 -8.68 11.63 1.68
N MET A 340 -8.44 11.80 2.97
CA MET A 340 -8.12 13.12 3.55
C MET A 340 -6.82 13.67 2.99
N ASN A 341 -5.78 12.84 2.99
CA ASN A 341 -4.44 13.18 2.51
C ASN A 341 -4.47 13.64 1.04
N THR A 342 -5.00 12.78 0.17
CA THR A 342 -5.04 13.07 -1.26
C THR A 342 -5.94 14.27 -1.56
N GLN A 343 -7.09 14.37 -0.90
CA GLN A 343 -7.96 15.54 -1.11
C GLN A 343 -7.29 16.84 -0.66
N ALA A 344 -6.61 16.80 0.49
CA ALA A 344 -5.88 17.98 0.98
C ALA A 344 -4.78 18.39 -0.01
N GLN A 345 -3.98 17.42 -0.46
CA GLN A 345 -2.91 17.70 -1.43
C GLN A 345 -3.47 18.21 -2.75
N GLY A 346 -4.57 17.60 -3.19
CA GLY A 346 -5.25 17.98 -4.44
C GLY A 346 -5.75 19.41 -4.39
N LEU A 347 -6.37 19.78 -3.26
CA LEU A 347 -6.79 21.17 -3.09
C LEU A 347 -5.61 22.15 -3.23
N LEU A 348 -4.48 21.83 -2.60
CA LEU A 348 -3.29 22.69 -2.67
C LEU A 348 -2.69 22.75 -4.07
N PHE A 349 -2.66 21.61 -4.75
CA PHE A 349 -2.20 21.53 -6.14
C PHE A 349 -3.07 22.24 -7.16
N LEU A 350 -4.38 22.03 -7.07
CA LEU A 350 -5.27 22.25 -8.23
C LEU A 350 -6.13 23.49 -8.18
N SER A 351 -6.28 24.06 -6.99
CA SER A 351 -7.11 25.25 -6.86
C SER A 351 -6.32 26.43 -7.42
N GLY A 352 -7.00 27.52 -7.75
CA GLY A 352 -6.29 28.65 -8.35
C GLY A 352 -5.45 29.44 -7.35
N PRO A 353 -5.07 30.67 -7.72
CA PRO A 353 -4.46 31.64 -6.83
C PRO A 353 -5.25 31.82 -5.53
N GLU A 354 -6.55 31.50 -5.57
CA GLU A 354 -7.41 31.61 -4.39
CA GLU A 354 -7.44 31.57 -4.41
C GLU A 354 -6.86 30.87 -3.16
N VAL A 355 -6.23 29.73 -3.39
N VAL A 355 -6.20 29.74 -3.37
CA VAL A 355 -5.71 28.90 -2.30
CA VAL A 355 -5.71 28.92 -2.27
C VAL A 355 -4.28 29.30 -1.87
C VAL A 355 -4.27 29.31 -1.86
N GLN A 356 -3.67 30.26 -2.57
CA GLN A 356 -2.30 30.69 -2.25
C GLN A 356 -2.07 31.05 -0.77
N PRO A 357 -2.99 31.83 -0.15
CA PRO A 357 -2.83 32.14 1.29
C PRO A 357 -2.64 30.91 2.15
N LEU A 358 -3.40 29.84 1.87
CA LEU A 358 -3.25 28.60 2.63
C LEU A 358 -1.94 27.88 2.31
N ARG A 359 -1.50 27.91 1.04
CA ARG A 359 -0.18 27.39 0.68
C ARG A 359 0.86 28.13 1.51
N ASP A 360 0.73 29.46 1.55
CA ASP A 360 1.72 30.28 2.26
C ASP A 360 1.76 29.98 3.76
N VAL A 361 0.59 29.88 4.39
CA VAL A 361 0.55 29.51 5.81
C VAL A 361 1.20 28.14 6.03
N LEU A 362 0.84 27.16 5.21
CA LEU A 362 1.36 25.81 5.39
C LEU A 362 2.88 25.80 5.20
N THR A 363 3.38 26.59 4.24
CA THR A 363 4.80 26.73 4.00
C THR A 363 5.52 27.24 5.26
N GLU A 364 4.96 28.24 5.93
CA GLU A 364 5.56 28.70 7.20
C GLU A 364 5.56 27.58 8.25
N LEU A 365 4.44 26.86 8.35
CA LEU A 365 4.32 25.79 9.33
C LEU A 365 5.31 24.66 9.11
N ILE A 366 5.62 24.40 7.84
CA ILE A 366 6.52 23.31 7.42
C ILE A 366 7.94 23.55 7.95
N GLN A 367 8.25 24.80 8.26
CA GLN A 367 9.54 25.14 8.83
C GLN A 367 9.73 24.62 10.25
N TYR A 368 8.65 24.21 10.91
CA TYR A 368 8.76 23.60 12.24
C TYR A 368 8.96 22.10 12.10
N GLY A 369 9.91 21.55 12.85
CA GLY A 369 10.23 20.11 12.74
C GLY A 369 9.05 19.18 12.93
N GLU A 370 8.22 19.45 13.93
N GLU A 370 8.23 19.46 13.94
CA GLU A 370 7.05 18.60 14.20
CA GLU A 370 7.04 18.64 14.22
C GLU A 370 6.08 18.54 13.02
C GLU A 370 6.12 18.54 13.00
N VAL A 371 5.94 19.68 12.32
CA VAL A 371 5.07 19.77 11.14
C VAL A 371 5.67 18.99 9.97
N ALA A 372 6.93 19.26 9.66
CA ALA A 372 7.65 18.52 8.62
C ALA A 372 7.56 17.00 8.87
N ARG A 373 7.84 16.58 10.11
CA ARG A 373 7.74 15.15 10.46
C ARG A 373 6.31 14.63 10.36
N HIS A 374 5.33 15.43 10.79
CA HIS A 374 3.91 15.03 10.71
C HIS A 374 3.53 14.73 9.26
N LEU A 375 3.82 15.68 8.37
CA LEU A 375 3.45 15.55 6.95
C LEU A 375 4.23 14.44 6.28
N ALA A 376 5.52 14.34 6.58
CA ALA A 376 6.37 13.22 6.10
C ALA A 376 5.79 11.88 6.55
N GLY A 377 5.25 11.84 7.77
CA GLY A 377 4.68 10.59 8.32
C GLY A 377 3.45 10.16 7.56
N MET A 378 2.65 11.14 7.19
CA MET A 378 1.43 10.95 6.43
CA MET A 378 1.42 10.96 6.41
C MET A 378 1.73 10.48 4.99
N VAL A 379 2.67 11.15 4.34
CA VAL A 379 2.96 10.82 2.95
C VAL A 379 3.66 9.46 2.84
N SER A 380 4.63 9.23 3.71
CA SER A 380 5.43 8.01 3.66
C SER A 380 4.67 6.78 4.16
N GLY A 381 3.62 6.98 4.93
CA GLY A 381 2.92 5.88 5.59
C GLY A 381 3.59 5.42 6.90
N LEU A 382 4.69 6.05 7.26
CA LEU A 382 5.36 5.67 8.51
C LEU A 382 4.55 6.01 9.76
N GLU A 383 3.55 6.90 9.63
CA GLU A 383 2.68 7.28 10.76
C GLU A 383 1.71 6.20 11.20
N ILE A 384 1.48 5.20 10.34
CA ILE A 384 0.31 4.33 10.47
C ILE A 384 0.32 3.58 11.81
N THR A 385 -0.76 3.76 12.58
CA THR A 385 -0.85 3.24 13.92
C THR A 385 -2.18 2.52 14.10
N TYR A 386 -2.10 1.26 14.52
CA TYR A 386 -3.28 0.43 14.74
C TYR A 386 -3.64 0.33 16.22
N ASP A 387 -4.93 0.12 16.50
CA ASP A 387 -5.39 -0.12 17.86
C ASP A 387 -5.02 -1.54 18.27
N VAL A 388 -4.01 -1.64 19.14
CA VAL A 388 -3.55 -2.92 19.69
C VAL A 388 -3.64 -2.91 21.21
N GLY A 389 -4.33 -1.89 21.75
CA GLY A 389 -4.44 -1.73 23.19
C GLY A 389 -3.62 -0.54 23.64
N THR A 390 -3.78 -0.13 24.89
CA THR A 390 -3.10 1.06 25.36
C THR A 390 -1.81 0.75 26.11
N GLY A 391 -1.00 1.78 26.32
CA GLY A 391 0.24 1.67 27.07
C GLY A 391 1.13 2.86 26.79
N SER A 392 2.15 3.04 27.62
CA SER A 392 3.09 4.15 27.44
C SER A 392 4.14 3.87 26.35
N HIS A 393 4.41 2.60 26.05
CA HIS A 393 5.46 2.32 25.07
C HIS A 393 5.13 2.98 23.75
N PRO A 394 6.05 3.82 23.22
CA PRO A 394 5.80 4.63 21.99
C PRO A 394 5.50 3.86 20.71
N LEU A 395 5.87 2.59 20.64
CA LEU A 395 5.76 1.85 19.40
C LEU A 395 4.43 1.08 19.24
N LEU A 396 3.60 1.06 20.28
CA LEU A 396 2.39 0.23 20.24
C LEU A 396 1.55 0.59 19.02
N GLY A 397 1.27 -0.42 18.21
CA GLY A 397 0.43 -0.27 17.03
C GLY A 397 1.18 0.21 15.79
N LYS A 398 2.42 0.64 15.97
CA LYS A 398 3.20 1.23 14.86
C LYS A 398 4.06 0.17 14.22
N ARG A 399 4.65 0.50 13.07
CA ARG A 399 5.56 -0.43 12.43
C ARG A 399 6.84 -0.62 13.28
N MET A 400 7.40 -1.82 13.23
CA MET A 400 8.66 -2.08 13.89
C MET A 400 9.76 -1.54 12.99
N PRO A 401 10.54 -0.55 13.49
CA PRO A 401 11.67 -0.03 12.71
C PRO A 401 12.71 -1.13 12.57
N ALA A 402 13.50 -1.10 11.49
CA ALA A 402 14.58 -2.07 11.31
C ALA A 402 15.50 -2.07 12.53
N LEU A 403 15.75 -3.25 13.07
CA LEU A 403 16.60 -3.41 14.24
C LEU A 403 17.60 -4.54 14.02
N GLU A 404 18.90 -4.21 14.08
CA GLU A 404 19.97 -5.20 14.00
C GLU A 404 20.00 -6.04 15.27
N LEU A 405 20.32 -7.33 15.12
CA LEU A 405 20.24 -8.29 16.20
C LEU A 405 21.36 -9.32 16.14
N THR A 406 21.94 -9.63 17.30
CA THR A 406 22.94 -10.68 17.44
C THR A 406 22.39 -11.77 18.34
N THR A 407 22.14 -12.94 17.76
CA THR A 407 21.68 -14.08 18.54
C THR A 407 22.88 -14.94 18.91
N ALA A 408 22.64 -16.01 19.68
CA ALA A 408 23.69 -16.93 20.07
C ALA A 408 24.46 -17.50 18.88
N THR A 409 23.78 -17.59 17.73
CA THR A 409 24.36 -18.25 16.55
C THR A 409 24.55 -17.34 15.33
N ARG A 410 23.74 -16.31 15.18
CA ARG A 410 23.81 -15.51 13.96
C ARG A 410 23.58 -14.01 14.15
N GLU A 411 23.97 -13.24 13.12
CA GLU A 411 23.63 -11.83 13.01
C GLU A 411 22.46 -11.76 12.07
N THR A 412 21.38 -11.13 12.54
CA THR A 412 20.16 -11.03 11.77
C THR A 412 19.51 -9.66 12.03
N SER A 413 18.21 -9.55 11.81
CA SER A 413 17.52 -8.27 11.97
C SER A 413 16.03 -8.52 12.10
N SER A 414 15.31 -7.55 12.65
CA SER A 414 13.85 -7.66 12.69
C SER A 414 13.32 -7.89 11.27
N THR A 415 13.87 -7.14 10.32
CA THR A 415 13.44 -7.23 8.91
C THR A 415 13.58 -8.67 8.38
N GLU A 416 14.74 -9.27 8.59
CA GLU A 416 15.00 -10.61 8.09
CA GLU A 416 14.99 -10.62 8.09
C GLU A 416 14.13 -11.66 8.78
N LEU A 417 13.90 -11.48 10.08
CA LEU A 417 13.10 -12.42 10.87
C LEU A 417 11.62 -12.47 10.43
N LEU A 418 11.20 -11.45 9.68
CA LEU A 418 9.84 -11.36 9.13
C LEU A 418 9.65 -11.99 7.75
N HIS A 419 10.73 -12.52 7.13
CA HIS A 419 10.66 -13.00 5.74
C HIS A 419 9.62 -14.09 5.53
N THR A 420 9.40 -14.91 6.55
CA THR A 420 8.44 -16.03 6.46
C THR A 420 6.99 -15.67 6.91
N ALA A 421 6.78 -14.40 7.23
CA ALA A 421 5.49 -13.85 7.66
C ALA A 421 4.89 -14.58 8.86
N ARG A 422 5.74 -14.84 9.85
CA ARG A 422 5.32 -15.39 11.14
C ARG A 422 5.32 -14.25 12.15
N GLY A 423 4.77 -14.49 13.34
CA GLY A 423 4.96 -13.54 14.43
C GLY A 423 6.39 -13.62 14.93
N VAL A 424 6.89 -12.53 15.49
CA VAL A 424 8.25 -12.51 15.99
C VAL A 424 8.22 -11.88 17.37
N LEU A 425 8.71 -12.63 18.36
CA LEU A 425 8.86 -12.09 19.72
C LEU A 425 10.34 -11.94 19.98
N LEU A 426 10.77 -10.69 20.18
CA LEU A 426 12.17 -10.38 20.43
C LEU A 426 12.40 -10.33 21.92
N ASP A 427 13.29 -11.19 22.39
CA ASP A 427 13.71 -11.22 23.77
C ASP A 427 15.06 -10.52 23.82
N LEU A 428 15.01 -9.22 24.10
CA LEU A 428 16.19 -8.35 24.01
C LEU A 428 17.01 -8.24 25.29
N ALA A 429 16.56 -8.93 26.34
CA ALA A 429 17.21 -8.87 27.65
C ALA A 429 17.44 -10.26 28.25
N ASP A 430 17.60 -11.26 27.38
CA ASP A 430 17.86 -12.65 27.77
C ASP A 430 16.96 -13.07 28.95
N ASN A 431 15.65 -12.97 28.78
CA ASN A 431 14.70 -13.31 29.85
C ASN A 431 14.04 -14.65 29.56
N PRO A 432 14.51 -15.73 30.21
CA PRO A 432 13.99 -17.07 29.91
C PRO A 432 12.51 -17.27 30.27
N ARG A 433 12.01 -16.51 31.23
CA ARG A 433 10.60 -16.57 31.60
C ARG A 433 9.74 -16.08 30.46
N LEU A 434 10.19 -15.02 29.80
CA LEU A 434 9.50 -14.48 28.66
C LEU A 434 9.32 -15.60 27.64
N ARG A 435 10.41 -16.32 27.38
CA ARG A 435 10.42 -17.43 26.44
C ARG A 435 9.39 -18.51 26.81
N ALA A 436 9.23 -18.77 28.12
CA ALA A 436 8.28 -19.79 28.61
C ALA A 436 6.81 -19.35 28.56
N ARG A 437 6.57 -18.06 28.80
CA ARG A 437 5.23 -17.49 28.78
C ARG A 437 4.60 -17.59 27.37
N ALA A 438 5.46 -17.51 26.36
CA ALA A 438 5.01 -17.45 24.97
C ALA A 438 5.15 -18.78 24.23
N ALA A 439 5.74 -19.78 24.90
CA ALA A 439 6.05 -21.04 24.23
C ALA A 439 4.82 -21.73 23.64
N ALA A 440 3.66 -21.52 24.28
CA ALA A 440 2.38 -22.04 23.77
C ALA A 440 1.95 -21.47 22.41
N TRP A 441 2.65 -20.42 21.96
CA TRP A 441 2.40 -19.84 20.64
C TRP A 441 3.57 -20.03 19.69
N SER A 442 4.56 -20.81 20.12
CA SER A 442 5.78 -20.99 19.33
C SER A 442 5.57 -21.65 17.96
N ASP A 443 4.43 -22.32 17.77
CA ASP A 443 4.08 -22.85 16.44
C ASP A 443 3.77 -21.74 15.41
N ARG A 444 3.35 -20.58 15.92
CA ARG A 444 2.98 -19.44 15.08
C ARG A 444 3.91 -18.24 15.21
N VAL A 445 4.70 -18.23 16.29
CA VAL A 445 5.51 -17.07 16.66
C VAL A 445 6.93 -17.53 16.90
N ASP A 446 7.88 -16.93 16.17
CA ASP A 446 9.29 -17.21 16.40
C ASP A 446 9.81 -16.38 17.58
N ILE A 447 10.30 -17.07 18.60
CA ILE A 447 10.77 -16.42 19.83
C ILE A 447 12.29 -16.34 19.76
N VAL A 448 12.81 -15.12 19.61
CA VAL A 448 14.23 -14.93 19.32
C VAL A 448 14.92 -14.12 20.41
N THR A 449 15.90 -14.75 21.05
CA THR A 449 16.72 -14.08 22.06
C THR A 449 17.90 -13.43 21.34
N ALA A 450 18.09 -12.12 21.54
CA ALA A 450 19.13 -11.39 20.83
C ALA A 450 19.60 -10.17 21.60
N VAL A 451 20.83 -9.76 21.31
CA VAL A 451 21.38 -8.48 21.76
C VAL A 451 21.09 -7.47 20.66
N PRO A 452 20.34 -6.40 20.97
CA PRO A 452 19.97 -5.45 19.92
C PRO A 452 21.13 -4.52 19.55
N GLY A 453 21.15 -4.04 18.31
CA GLY A 453 22.15 -3.04 17.89
C GLY A 453 21.84 -1.68 18.51
N GLU A 454 22.69 -0.70 18.21
CA GLU A 454 22.47 0.69 18.60
C GLU A 454 21.12 1.17 18.07
N VAL A 455 20.36 1.87 18.89
CA VAL A 455 19.07 2.43 18.47
C VAL A 455 19.00 3.92 18.79
N SER A 456 18.30 4.66 17.92
CA SER A 456 18.20 6.11 18.09
C SER A 456 17.20 6.49 19.17
N ALA A 457 17.33 7.71 19.68
CA ALA A 457 16.45 8.22 20.73
C ALA A 457 15.00 8.23 20.25
N THR A 458 14.81 8.54 18.97
CA THR A 458 13.48 8.70 18.37
C THR A 458 12.87 7.44 17.77
N SER A 459 13.64 6.34 17.67
CA SER A 459 13.14 5.09 17.10
C SER A 459 12.04 4.46 17.93
N GLY A 460 12.02 4.76 19.21
CA GLY A 460 11.05 4.17 20.14
C GLY A 460 11.56 2.89 20.78
N LEU A 461 12.77 2.49 20.41
CA LEU A 461 13.32 1.20 20.85
C LEU A 461 14.27 1.28 22.04
N ARG A 462 14.61 2.50 22.47
CA ARG A 462 15.43 2.68 23.66
C ARG A 462 14.77 2.05 24.87
N ASP A 463 15.56 1.37 25.68
CA ASP A 463 15.11 0.76 26.94
C ASP A 463 13.99 -0.26 26.77
N THR A 464 13.91 -0.85 25.58
CA THR A 464 12.90 -1.87 25.32
C THR A 464 13.50 -3.26 25.56
N THR A 465 12.83 -4.05 26.39
CA THR A 465 13.30 -5.38 26.77
C THR A 465 12.70 -6.48 25.91
N ALA A 466 11.53 -6.23 25.32
CA ALA A 466 10.84 -7.23 24.49
C ALA A 466 9.82 -6.56 23.57
N VAL A 467 9.61 -7.14 22.40
CA VAL A 467 8.62 -6.62 21.44
C VAL A 467 7.94 -7.81 20.75
N LEU A 468 6.60 -7.77 20.70
CA LEU A 468 5.88 -8.75 19.90
C LEU A 468 5.51 -8.06 18.61
N ILE A 469 5.95 -8.67 17.50
CA ILE A 469 5.77 -8.10 16.18
C ILE A 469 4.83 -9.03 15.42
N ARG A 470 3.76 -8.44 14.89
CA ARG A 470 2.82 -9.15 14.01
C ARG A 470 3.49 -9.49 12.67
N PRO A 471 2.94 -10.47 11.94
CA PRO A 471 3.49 -10.85 10.64
C PRO A 471 3.59 -9.71 9.63
N ASP A 472 2.75 -8.67 9.79
CA ASP A 472 2.82 -7.47 8.95
C ASP A 472 3.86 -6.43 9.39
N GLY A 473 4.55 -6.73 10.49
CA GLY A 473 5.59 -5.84 11.00
C GLY A 473 5.11 -4.85 12.06
N HIS A 474 3.80 -4.85 12.37
CA HIS A 474 3.32 -3.91 13.37
C HIS A 474 3.50 -4.46 14.77
N VAL A 475 3.84 -3.57 15.68
CA VAL A 475 4.09 -3.93 17.07
C VAL A 475 2.77 -4.09 17.85
N ALA A 476 2.55 -5.29 18.40
CA ALA A 476 1.31 -5.64 19.09
C ALA A 476 1.42 -5.43 20.59
N TRP A 477 2.64 -5.50 21.08
CA TRP A 477 2.94 -5.46 22.51
C TRP A 477 4.42 -5.21 22.66
N ALA A 478 4.80 -4.53 23.75
CA ALA A 478 6.18 -4.27 24.08
C ALA A 478 6.34 -4.13 25.58
N ALA A 479 7.55 -4.42 26.05
CA ALA A 479 7.92 -4.21 27.44
C ALA A 479 9.13 -3.28 27.53
N PRO A 480 9.10 -2.34 28.50
CA PRO A 480 7.95 -2.09 29.37
C PRO A 480 6.93 -1.17 28.71
N GLY A 481 5.76 -1.01 29.33
CA GLY A 481 4.81 0.01 28.90
C GLY A 481 3.62 -0.44 28.05
N SER A 482 3.18 -1.68 28.23
CA SER A 482 1.91 -2.12 27.65
C SER A 482 0.92 -2.39 28.77
N HIS A 483 -0.29 -1.86 28.61
CA HIS A 483 -1.34 -2.09 29.60
C HIS A 483 -1.87 -3.52 29.55
N HIS A 484 -2.02 -4.05 28.35
CA HIS A 484 -2.34 -5.45 28.09
C HIS A 484 -1.09 -6.30 28.29
N ASP A 485 -1.29 -7.56 28.69
CA ASP A 485 -0.16 -8.45 28.96
C ASP A 485 0.20 -9.21 27.70
N LEU A 486 1.34 -9.89 27.72
CA LEU A 486 1.84 -10.56 26.52
C LEU A 486 0.90 -11.67 26.00
N PRO A 487 0.47 -12.61 26.88
CA PRO A 487 -0.52 -13.58 26.44
C PRO A 487 -1.78 -12.96 25.83
N MET A 488 -2.28 -11.85 26.37
CA MET A 488 -3.42 -11.18 25.76
C MET A 488 -3.11 -10.79 24.32
N ALA A 489 -1.94 -10.21 24.09
CA ALA A 489 -1.51 -9.81 22.75
C ALA A 489 -1.33 -11.03 21.84
N LEU A 490 -0.71 -12.08 22.36
CA LEU A 490 -0.49 -13.29 21.57
C LEU A 490 -1.82 -13.89 21.17
N GLU A 491 -2.73 -13.99 22.13
CA GLU A 491 -4.05 -14.50 21.85
C GLU A 491 -4.78 -13.65 20.81
N ARG A 492 -4.71 -12.32 20.95
CA ARG A 492 -5.43 -11.40 20.05
C ARG A 492 -4.99 -11.55 18.58
N TRP A 493 -3.69 -11.69 18.33
CA TRP A 493 -3.17 -11.72 16.95
C TRP A 493 -2.82 -13.10 16.43
N PHE A 494 -2.72 -14.10 17.31
CA PHE A 494 -2.28 -15.42 16.88
C PHE A 494 -3.24 -16.56 17.23
N GLY A 495 -4.23 -16.28 18.06
CA GLY A 495 -5.24 -17.29 18.43
C GLY A 495 -4.91 -18.04 19.71
N ALA A 496 -5.52 -19.22 19.87
CA ALA A 496 -5.43 -19.98 21.10
C ALA A 496 -4.02 -20.54 21.37
N PRO A 497 -3.61 -20.55 22.65
CA PRO A 497 -2.33 -21.16 23.01
C PRO A 497 -2.38 -22.66 22.78
N LEU A 498 -1.22 -23.26 22.50
CA LEU A 498 -1.15 -24.72 22.38
C LEU A 498 -1.39 -25.39 23.69
N THR A 499 -2.10 -26.52 23.62
CA THR A 499 -2.43 -27.33 24.76
C THR A 499 -1.30 -28.32 25.02
N GLY A 500 -0.69 -28.22 26.21
CA GLY A 500 0.42 -29.09 26.58
C GLY A 500 -0.08 -30.48 26.92
ZN ZN B . -9.15 -21.65 -16.69
PA FAD C . -5.36 -2.17 -10.27
O1A FAD C . -3.89 -1.85 -10.32
O2A FAD C . -6.24 -1.30 -11.08
O5B FAD C . -5.54 -3.75 -10.62
C5B FAD C . -6.86 -4.20 -10.91
C4B FAD C . -6.72 -5.45 -11.78
O4B FAD C . -7.91 -6.20 -11.75
C3B FAD C . -6.48 -5.06 -13.22
O3B FAD C . -5.32 -5.71 -13.67
C2B FAD C . -7.73 -5.51 -13.98
O2B FAD C . -7.41 -6.06 -15.24
C1B FAD C . -8.24 -6.60 -13.06
N9A FAD C . -9.70 -6.82 -13.15
C8A FAD C . -10.75 -5.93 -13.07
N7A FAD C . -11.91 -6.65 -13.17
C5A FAD C . -11.60 -7.98 -13.29
C6A FAD C . -12.37 -9.18 -13.43
N6A FAD C . -13.72 -9.05 -13.42
N1A FAD C . -11.69 -10.42 -13.51
C2A FAD C . -10.30 -10.51 -13.49
N3A FAD C . -9.55 -9.33 -13.34
C4A FAD C . -10.20 -8.11 -13.26
N1 FAD C . -0.07 5.20 -6.73
C2 FAD C . 1.07 5.36 -6.00
O2 FAD C . 1.22 4.71 -4.97
N3 FAD C . 2.04 6.25 -6.41
C4 FAD C . 1.85 6.99 -7.57
O4 FAD C . 2.73 7.77 -7.95
C4X FAD C . 0.68 6.83 -8.32
N5 FAD C . 0.48 7.56 -9.47
C5X FAD C . -0.69 7.39 -10.21
C6 FAD C . -0.86 8.16 -11.37
C7 FAD C . -2.03 8.03 -12.13
C7M FAD C . -2.20 8.93 -13.33
C8 FAD C . -3.00 7.11 -11.73
C8M FAD C . -4.27 6.93 -12.51
C9 FAD C . -2.82 6.34 -10.56
C9A FAD C . -1.65 6.49 -9.79
N10 FAD C . -1.45 5.73 -8.63
C10 FAD C . -0.29 5.93 -7.89
C1' FAD C . -2.49 4.77 -8.13
C2' FAD C . -2.19 3.31 -8.52
O2' FAD C . -1.88 3.16 -9.90
C3' FAD C . -3.40 2.46 -8.13
O3' FAD C . -3.81 2.87 -6.83
C4' FAD C . -3.09 0.97 -8.14
O4' FAD C . -2.96 0.52 -9.49
C5' FAD C . -4.20 0.19 -7.47
O5' FAD C . -3.85 -1.19 -7.48
P FAD C . -4.96 -2.33 -7.43
O1P FAD C . -5.85 -2.14 -6.23
O2P FAD C . -4.19 -3.65 -7.35
O3P FAD C . -5.87 -2.15 -8.74
C1 EDO D . 3.65 12.75 -6.53
O1 EDO D . 3.58 12.46 -5.13
C2 EDO D . 2.93 14.05 -6.82
O2 EDO D . 1.55 13.96 -6.44
C1 EDO E . 17.76 -18.31 16.91
O1 EDO E . 18.61 -17.84 17.95
C2 EDO E . 17.99 -17.37 15.75
O2 EDO E . 19.39 -17.27 15.48
C1 EDO F . -1.79 2.79 20.92
O1 EDO F . -2.96 3.59 20.83
C2 EDO F . -1.91 1.59 19.98
O2 EDO F . -3.14 0.86 20.20
C1 GOL G . 15.05 -15.74 3.04
O1 GOL G . 14.73 -15.27 4.34
C2 GOL G . 13.78 -16.04 2.23
O2 GOL G . 12.70 -16.40 3.06
C3 GOL G . 13.43 -14.82 1.39
O3 GOL G . 14.12 -14.86 0.15
C1 GOL H . -27.06 -7.16 3.78
O1 GOL H . -27.93 -7.97 4.53
C2 GOL H . -27.57 -5.73 3.77
O2 GOL H . -26.79 -4.93 4.63
C3 GOL H . -27.56 -5.19 2.35
O3 GOL H . -26.67 -4.09 2.25
C1 GOL I . 2.09 -19.38 9.30
O1 GOL I . 1.29 -19.89 8.26
C2 GOL I . 3.44 -18.90 8.76
O2 GOL I . 3.26 -17.98 7.70
C3 GOL I . 4.26 -20.09 8.29
O3 GOL I . 4.86 -20.71 9.41
C1 GOL J . -7.00 5.71 -6.88
O1 GOL J . -8.31 6.02 -7.31
C2 GOL J . -6.05 5.73 -8.09
O2 GOL J . -6.19 6.96 -8.78
C3 GOL J . -6.46 4.59 -9.03
O3 GOL J . -5.53 4.39 -10.08
#